data_3CAD
#
_entry.id   3CAD
#
_cell.length_a   133.378
_cell.length_b   56.196
_cell.length_c   33.761
_cell.angle_alpha   90.00
_cell.angle_beta   100.29
_cell.angle_gamma   90.00
#
_symmetry.space_group_name_H-M   'C 1 2 1'
#
loop_
_entity.id
_entity.type
_entity.pdbx_description
1 polymer 'Lectin-related NK cell receptor LY49G1'
2 water water
#
_entity_poly.entity_id   1
_entity_poly.type   'polypeptide(L)'
_entity_poly.pdbx_seq_one_letter_code
;GFEKYWFCYGIKCYYFDMDRKTWSGCKQTCQISSLSLLKIDNEDELKFLQNLAPSDISWIGFSYDNKKKDWAWIDNGPSK
LALNTTKYNIRDGLCMSLSKTRLDNGDCGKSYICICGKRLDKFPH
;
_entity_poly.pdbx_strand_id   A,B
#
# COMPACT_ATOMS: atom_id res chain seq x y z
N GLU A 3 29.38 13.81 15.42
CA GLU A 3 30.27 13.57 16.66
C GLU A 3 29.69 12.30 17.20
N LYS A 4 28.43 12.45 17.51
CA LYS A 4 27.73 11.25 17.87
C LYS A 4 26.58 10.98 16.92
N TYR A 5 25.96 9.84 17.03
CA TYR A 5 24.78 9.43 16.26
C TYR A 5 23.54 9.73 17.08
N TRP A 6 23.86 10.33 18.23
CA TRP A 6 22.83 10.95 19.03
C TRP A 6 23.04 12.46 19.20
N PHE A 7 21.92 13.05 19.47
CA PHE A 7 21.92 14.53 19.57
C PHE A 7 20.68 14.97 20.30
N CYS A 8 20.80 15.86 21.28
CA CYS A 8 19.58 16.59 21.69
C CYS A 8 19.44 17.93 20.97
N TYR A 9 18.21 18.41 20.77
CA TYR A 9 17.77 19.76 20.54
C TYR A 9 16.68 20.10 21.62
N GLY A 10 16.72 21.31 22.07
CA GLY A 10 15.62 21.88 22.85
C GLY A 10 15.10 20.84 23.84
N ILE A 11 13.86 20.32 23.76
CA ILE A 11 13.43 19.34 24.82
C ILE A 11 13.40 17.85 24.40
N LYS A 12 13.68 17.63 23.10
CA LYS A 12 13.75 16.28 22.57
C LYS A 12 15.18 15.83 22.31
N CYS A 13 15.42 14.55 22.32
CA CYS A 13 16.72 14.02 21.88
C CYS A 13 16.51 13.19 20.63
N TYR A 14 17.59 12.66 20.08
CA TYR A 14 17.50 11.97 18.82
C TYR A 14 18.61 10.93 18.70
N TYR A 15 18.21 9.88 18.04
CA TYR A 15 19.20 8.81 17.77
C TYR A 15 19.03 8.43 16.31
N PHE A 16 20.09 8.14 15.63
CA PHE A 16 19.95 7.79 14.19
C PHE A 16 20.53 6.43 14.04
N ASP A 17 19.72 5.46 13.82
CA ASP A 17 20.34 4.20 13.78
C ASP A 17 20.80 4.24 12.40
N MET A 18 22.09 4.37 12.12
CA MET A 18 22.67 4.25 10.72
C MET A 18 22.52 2.92 9.97
N ASP A 19 22.22 1.82 10.65
CA ASP A 19 21.82 0.56 10.09
C ASP A 19 20.49 0.36 9.36
N ARG A 20 20.48 0.74 8.12
CA ARG A 20 19.33 0.89 7.29
C ARG A 20 18.39 -0.36 7.40
N LYS A 21 17.13 -0.01 7.28
CA LYS A 21 15.98 -0.85 7.59
C LYS A 21 14.78 -0.43 6.81
N THR A 22 13.77 -1.30 6.85
CA THR A 22 12.45 -0.87 6.34
C THR A 22 11.92 0.20 7.32
N TRP A 23 10.81 0.76 6.90
CA TRP A 23 9.95 1.51 7.77
C TRP A 23 9.38 0.73 8.92
N SER A 24 8.57 -0.26 8.71
CA SER A 24 8.14 -1.27 9.72
C SER A 24 9.31 -1.54 10.70
N GLY A 25 10.49 -1.72 9.99
CA GLY A 25 11.68 -2.13 10.59
C GLY A 25 12.17 -1.17 11.62
N CYS A 26 12.40 0.06 11.15
CA CYS A 26 12.79 1.20 11.89
C CYS A 26 11.95 1.44 13.09
N LYS A 27 10.66 1.33 12.92
CA LYS A 27 9.76 1.58 14.00
C LYS A 27 9.89 0.62 15.18
N GLN A 28 9.76 -0.68 14.89
CA GLN A 28 9.74 -1.73 15.93
C GLN A 28 11.03 -1.69 16.77
N THR A 29 12.09 -1.32 16.13
CA THR A 29 13.41 -0.99 16.57
C THR A 29 13.52 0.25 17.45
N CYS A 30 12.63 1.27 17.38
CA CYS A 30 12.82 2.44 18.29
C CYS A 30 12.17 2.02 19.47
N GLN A 31 11.02 1.42 19.27
CA GLN A 31 10.15 0.84 20.31
C GLN A 31 10.90 -0.18 21.19
N ILE A 32 11.73 -0.98 20.58
CA ILE A 32 12.51 -2.00 21.31
C ILE A 32 13.12 -1.30 22.55
N SER A 33 13.69 -0.14 22.36
CA SER A 33 14.44 0.50 23.46
C SER A 33 13.84 1.79 23.92
N SER A 34 12.49 1.86 24.00
CA SER A 34 11.73 3.11 24.39
C SER A 34 11.66 4.26 23.44
N LEU A 35 12.34 4.19 22.31
CA LEU A 35 12.26 5.35 21.40
C LEU A 35 10.98 5.14 20.61
N SER A 36 10.87 5.95 19.55
CA SER A 36 9.86 6.20 18.66
C SER A 36 10.30 6.96 17.34
N LEU A 37 9.94 6.35 16.20
CA LEU A 37 10.15 6.90 14.89
C LEU A 37 9.71 8.42 14.85
N LEU A 38 10.72 9.29 14.80
CA LEU A 38 10.61 10.74 14.99
C LEU A 38 9.31 11.43 14.56
N LYS A 39 8.61 12.02 15.52
CA LYS A 39 7.42 12.86 15.33
C LYS A 39 7.85 14.35 15.22
N ILE A 40 7.53 15.03 14.15
CA ILE A 40 8.02 16.43 14.08
C ILE A 40 6.99 17.40 14.54
N ASP A 41 7.34 18.33 15.44
CA ASP A 41 6.36 19.22 15.99
C ASP A 41 6.12 20.54 15.24
N ASN A 42 7.02 20.90 14.29
CA ASN A 42 6.91 22.20 13.58
C ASN A 42 7.96 22.51 12.46
N GLU A 43 8.79 23.54 12.67
CA GLU A 43 9.81 23.92 11.63
C GLU A 43 11.31 23.89 12.18
N ASP A 44 11.46 24.68 13.21
CA ASP A 44 12.52 24.65 14.15
C ASP A 44 12.95 23.18 14.41
N GLU A 45 12.36 22.28 13.70
CA GLU A 45 12.59 20.94 14.08
C GLU A 45 12.72 20.39 12.70
N LEU A 46 11.73 20.63 11.84
CA LEU A 46 11.97 20.29 10.42
C LEU A 46 13.33 20.86 10.01
N LYS A 47 13.55 22.11 10.38
CA LYS A 47 14.39 22.91 9.65
C LYS A 47 15.68 22.34 9.90
N PHE A 48 16.10 22.34 11.15
CA PHE A 48 17.49 22.02 11.51
C PHE A 48 17.72 20.49 11.59
N LEU A 49 16.62 19.75 11.67
CA LEU A 49 16.64 18.28 11.54
C LEU A 49 17.29 17.79 10.28
N GLN A 50 16.73 18.10 9.16
CA GLN A 50 17.30 17.88 7.85
C GLN A 50 18.56 18.75 7.71
N ASN A 51 18.61 19.90 8.42
CA ASN A 51 19.87 20.68 8.36
C ASN A 51 21.04 19.66 8.22
N LEU A 52 21.23 18.75 9.19
CA LEU A 52 22.50 17.97 9.27
C LEU A 52 22.41 16.44 9.04
N ALA A 53 21.23 15.89 8.71
CA ALA A 53 21.06 14.44 8.51
C ALA A 53 22.21 13.68 7.77
N PRO A 54 22.19 12.35 7.71
CA PRO A 54 23.27 11.90 6.77
C PRO A 54 22.55 11.82 5.39
N SER A 55 23.19 11.66 4.28
CA SER A 55 22.63 12.06 2.95
C SER A 55 21.49 11.05 2.67
N ASP A 56 21.88 9.84 3.04
CA ASP A 56 20.98 8.74 3.25
C ASP A 56 19.72 9.26 3.97
N ILE A 57 18.65 8.70 3.39
CA ILE A 57 17.30 9.17 3.73
C ILE A 57 16.93 8.54 5.05
N SER A 58 15.70 8.71 5.43
CA SER A 58 15.42 8.00 6.58
C SER A 58 14.02 8.00 6.78
N TRP A 59 13.74 7.23 7.85
CA TRP A 59 12.43 6.70 8.17
C TRP A 59 11.98 7.58 9.42
N ILE A 60 10.76 8.14 9.36
CA ILE A 60 10.16 8.99 10.36
C ILE A 60 8.73 8.49 10.62
N GLY A 61 8.17 8.62 11.83
CA GLY A 61 6.87 7.94 12.07
C GLY A 61 5.63 8.59 11.56
N PHE A 62 5.52 8.58 10.21
CA PHE A 62 4.40 9.05 9.51
C PHE A 62 4.19 8.08 8.43
N SER A 63 2.94 7.66 8.24
CA SER A 63 2.62 6.70 7.20
C SER A 63 1.13 6.85 6.85
N TYR A 64 0.59 5.87 6.10
CA TYR A 64 -0.82 5.84 5.81
C TYR A 64 -1.53 4.89 6.76
N ASP A 65 -2.36 5.53 7.60
CA ASP A 65 -3.27 4.69 8.41
C ASP A 65 -4.57 4.54 7.60
N ASN A 66 -4.99 3.27 7.42
CA ASN A 66 -6.29 3.00 6.88
C ASN A 66 -7.49 3.39 7.72
N LYS A 67 -7.55 3.09 9.03
CA LYS A 67 -8.75 3.23 9.80
C LYS A 67 -9.19 4.60 9.67
N LYS A 68 -8.15 5.34 9.65
CA LYS A 68 -8.19 6.74 9.43
C LYS A 68 -8.33 6.91 7.96
N LYS A 69 -7.91 5.91 7.21
CA LYS A 69 -7.91 6.05 5.73
C LYS A 69 -7.23 7.33 5.33
N ASP A 70 -6.27 7.77 6.16
CA ASP A 70 -5.42 8.95 5.94
C ASP A 70 -4.02 8.78 6.51
N TRP A 71 -3.16 9.78 6.46
CA TRP A 71 -1.78 9.74 7.03
C TRP A 71 -1.73 10.16 8.46
N ALA A 72 -0.64 9.90 9.18
CA ALA A 72 -0.72 9.98 10.61
C ALA A 72 0.71 9.78 11.18
N TRP A 73 0.86 10.37 12.33
CA TRP A 73 1.98 10.28 13.24
C TRP A 73 1.79 9.09 14.16
N ILE A 74 2.86 8.34 14.37
CA ILE A 74 2.82 7.11 15.18
C ILE A 74 2.07 7.47 16.50
N ASP A 75 1.91 8.81 16.58
CA ASP A 75 1.36 9.35 17.83
C ASP A 75 -0.19 9.57 17.80
N ASN A 76 -0.81 9.63 16.58
CA ASN A 76 -2.20 10.04 16.25
C ASN A 76 -2.62 11.53 16.71
N GLY A 77 -1.70 12.47 16.67
CA GLY A 77 -1.99 13.84 17.14
C GLY A 77 -1.50 14.89 16.14
N PRO A 78 -2.28 15.93 15.83
CA PRO A 78 -1.61 16.91 14.97
C PRO A 78 -0.25 17.43 15.43
N SER A 79 0.57 17.89 14.46
CA SER A 79 1.66 18.87 14.71
C SER A 79 1.57 19.93 13.66
N LYS A 80 2.07 21.13 14.05
CA LYS A 80 1.73 22.51 13.54
C LYS A 80 2.05 22.64 12.07
N LEU A 81 3.04 21.79 11.69
CA LEU A 81 3.76 21.61 10.40
C LEU A 81 2.93 21.63 9.10
N ALA A 82 3.32 22.56 8.19
CA ALA A 82 2.71 22.58 6.87
C ALA A 82 2.43 21.04 6.37
N LEU A 83 1.13 20.62 6.27
CA LEU A 83 0.57 19.26 5.79
C LEU A 83 0.04 19.43 4.37
N ASN A 84 0.74 18.77 3.42
CA ASN A 84 0.66 18.93 1.93
C ASN A 84 0.25 17.58 1.29
N THR A 85 -0.30 16.80 2.22
CA THR A 85 -0.56 15.39 2.19
C THR A 85 -1.02 14.94 0.85
N THR A 86 -1.14 15.88 -0.06
CA THR A 86 -1.97 15.67 -1.26
C THR A 86 -0.95 15.55 -2.38
N LYS A 87 0.31 15.84 -2.08
CA LYS A 87 1.34 15.58 -3.02
C LYS A 87 1.49 14.04 -3.12
N TYR A 88 0.81 13.30 -2.26
CA TYR A 88 1.23 11.91 -2.31
C TYR A 88 0.34 10.72 -2.78
N ASN A 89 0.86 9.80 -3.53
CA ASN A 89 0.09 8.69 -3.93
C ASN A 89 0.67 7.42 -3.26
N ILE A 90 -0.24 6.63 -2.82
CA ILE A 90 -0.31 5.22 -2.64
C ILE A 90 0.31 4.51 -3.88
N ARG A 91 0.41 5.08 -5.03
CA ARG A 91 1.03 4.76 -6.28
C ARG A 91 2.57 4.59 -6.23
N ASP A 92 3.13 5.50 -5.48
CA ASP A 92 4.52 5.48 -5.01
C ASP A 92 4.68 4.60 -3.85
N GLY A 93 4.04 4.86 -2.62
CA GLY A 93 4.59 4.00 -1.64
C GLY A 93 3.99 3.73 -0.33
N LEU A 94 3.50 4.68 0.46
CA LEU A 94 2.85 4.59 1.71
C LEU A 94 3.46 5.21 2.92
N CYS A 95 4.74 4.86 3.15
CA CYS A 95 5.43 5.27 4.41
C CYS A 95 6.15 6.59 4.08
N MET A 96 6.72 7.42 4.99
CA MET A 96 7.28 8.77 4.88
C MET A 96 8.72 8.71 5.32
N SER A 97 9.58 9.21 4.46
CA SER A 97 11.05 9.36 4.61
C SER A 97 11.31 10.86 4.80
N LEU A 98 12.59 11.23 4.81
CA LEU A 98 13.04 12.63 5.09
C LEU A 98 14.29 12.98 4.34
N SER A 99 14.12 13.40 3.08
CA SER A 99 15.22 14.07 2.40
C SER A 99 15.83 15.22 3.15
N LYS A 100 17.16 15.32 2.90
CA LYS A 100 17.96 16.53 3.06
C LYS A 100 17.21 17.70 2.41
N THR A 101 16.58 17.41 1.27
CA THR A 101 15.77 18.40 0.63
C THR A 101 14.45 18.71 1.37
N ARG A 102 13.56 17.77 1.39
CA ARG A 102 12.15 17.80 1.72
C ARG A 102 11.65 16.38 1.96
N LEU A 103 10.40 16.10 2.17
CA LEU A 103 10.08 14.69 2.45
C LEU A 103 9.20 14.12 1.37
N ASP A 104 9.47 12.91 1.06
CA ASP A 104 8.54 12.20 0.14
C ASP A 104 8.03 10.95 0.87
N ASN A 105 7.17 10.19 0.26
CA ASN A 105 6.63 8.88 0.70
C ASN A 105 7.22 7.74 -0.05
N GLY A 106 6.76 6.51 0.14
CA GLY A 106 7.08 5.47 -0.84
C GLY A 106 7.75 4.24 -0.31
N ASP A 107 7.22 3.10 -0.76
CA ASP A 107 7.62 1.79 -0.35
C ASP A 107 8.12 1.70 1.06
N CYS A 108 7.31 1.16 2.02
CA CYS A 108 7.79 0.92 3.39
C CYS A 108 8.91 -0.11 3.45
N GLY A 109 9.06 -0.88 2.41
CA GLY A 109 10.07 -1.84 2.11
C GLY A 109 11.42 -1.35 1.70
N LYS A 110 11.41 -0.09 1.28
CA LYS A 110 12.65 0.58 0.92
C LYS A 110 13.41 0.96 2.21
N SER A 111 14.68 0.57 2.25
CA SER A 111 15.43 0.60 3.47
C SER A 111 16.48 1.68 3.57
N TYR A 112 16.24 2.50 4.56
CA TYR A 112 16.95 3.65 5.03
C TYR A 112 17.07 3.53 6.54
N ILE A 113 17.64 4.65 6.94
CA ILE A 113 18.10 4.77 8.30
C ILE A 113 16.88 5.06 9.12
N CYS A 114 17.05 4.97 10.48
CA CYS A 114 15.86 5.48 11.23
C CYS A 114 16.24 6.75 11.96
N ILE A 115 15.15 7.50 12.21
CA ILE A 115 15.33 8.61 13.19
C ILE A 115 14.57 8.25 14.42
N CYS A 116 15.17 7.78 15.47
CA CYS A 116 14.36 7.46 16.56
C CYS A 116 14.42 8.68 17.41
N GLY A 117 13.26 9.13 17.89
CA GLY A 117 13.25 10.28 18.79
C GLY A 117 12.79 10.08 20.21
N LYS A 118 13.03 11.04 21.10
CA LYS A 118 12.56 11.06 22.50
C LYS A 118 12.22 12.49 22.98
N ARG A 119 11.55 12.63 24.11
CA ARG A 119 11.27 13.87 24.85
C ARG A 119 11.80 13.83 26.29
N LEU A 120 12.79 14.67 26.49
CA LEU A 120 13.48 14.83 27.73
C LEU A 120 12.84 15.95 28.57
N ASP A 121 11.92 15.49 29.35
CA ASP A 121 11.33 16.06 30.56
C ASP A 121 12.18 15.74 31.75
N LYS A 122 11.81 16.28 32.92
CA LYS A 122 12.70 16.06 34.09
C LYS A 122 13.97 16.81 33.86
N PHE A 123 15.14 16.31 34.05
CA PHE A 123 16.38 17.04 33.71
C PHE A 123 17.52 16.00 33.80
N PRO A 124 18.31 15.91 32.72
CA PRO A 124 19.41 14.97 32.83
C PRO A 124 20.22 15.19 34.17
N HIS A 125 19.79 14.58 35.24
CA HIS A 125 20.29 14.55 36.62
C HIS A 125 20.16 15.92 37.27
N GLY B 1 -6.21 -27.98 -22.65
CA GLY B 1 -7.10 -27.58 -21.48
C GLY B 1 -8.14 -26.64 -22.20
N PHE B 2 -7.46 -25.85 -23.06
CA PHE B 2 -8.05 -24.87 -23.91
C PHE B 2 -7.30 -24.48 -25.14
N GLU B 3 -7.58 -23.28 -25.70
CA GLU B 3 -6.80 -22.63 -26.71
C GLU B 3 -6.07 -21.45 -26.12
N LYS B 4 -6.99 -20.53 -25.72
CA LYS B 4 -6.60 -19.23 -25.31
C LYS B 4 -7.30 -18.85 -23.98
N TYR B 5 -7.89 -19.74 -23.25
CA TYR B 5 -8.81 -19.63 -22.05
C TYR B 5 -9.71 -18.47 -22.31
N TRP B 6 -10.14 -18.84 -23.54
CA TRP B 6 -11.33 -18.40 -24.18
C TRP B 6 -12.51 -19.30 -23.76
N PHE B 7 -13.04 -19.07 -22.53
CA PHE B 7 -14.30 -19.67 -22.15
C PHE B 7 -15.33 -18.73 -21.57
N CYS B 8 -16.57 -19.18 -21.54
CA CYS B 8 -17.73 -18.64 -20.89
C CYS B 8 -18.41 -19.69 -20.05
N TYR B 9 -19.37 -19.13 -19.43
CA TYR B 9 -20.27 -19.85 -18.62
C TYR B 9 -21.27 -18.78 -18.19
N GLY B 10 -22.56 -19.16 -18.00
CA GLY B 10 -23.72 -18.22 -17.86
C GLY B 10 -23.57 -16.93 -18.71
N ILE B 11 -23.86 -15.73 -18.21
CA ILE B 11 -23.82 -14.55 -19.08
C ILE B 11 -22.43 -13.98 -19.32
N LYS B 12 -21.48 -14.70 -18.83
CA LYS B 12 -20.05 -14.18 -18.75
C LYS B 12 -18.91 -15.06 -19.44
N CYS B 13 -18.02 -14.32 -20.10
CA CYS B 13 -16.82 -14.75 -20.86
C CYS B 13 -15.60 -14.41 -20.00
N TYR B 14 -14.53 -15.11 -20.23
CA TYR B 14 -13.36 -15.13 -19.38
C TYR B 14 -12.08 -15.31 -20.19
N TYR B 15 -10.95 -14.76 -19.71
CA TYR B 15 -9.76 -14.78 -20.58
C TYR B 15 -8.46 -14.75 -19.86
N PHE B 16 -7.97 -15.91 -19.45
CA PHE B 16 -6.74 -16.03 -18.70
C PHE B 16 -5.48 -15.88 -19.56
N ASP B 17 -4.48 -15.12 -19.02
CA ASP B 17 -3.21 -15.24 -19.68
C ASP B 17 -2.09 -15.34 -18.70
N MET B 18 -1.71 -16.49 -18.39
CA MET B 18 -0.67 -16.92 -17.50
C MET B 18 0.72 -16.38 -17.78
N ASP B 19 0.79 -15.59 -18.80
CA ASP B 19 1.78 -14.57 -19.19
C ASP B 19 1.73 -13.35 -18.34
N ARG B 20 2.04 -13.60 -17.08
CA ARG B 20 2.02 -12.82 -15.90
C ARG B 20 2.54 -11.40 -15.98
N LYS B 21 1.97 -10.51 -15.13
CA LYS B 21 2.12 -9.06 -15.23
C LYS B 21 1.64 -8.32 -13.95
N THR B 22 1.84 -6.89 -13.82
CA THR B 22 1.63 -6.21 -12.52
C THR B 22 0.17 -5.83 -12.49
N TRP B 23 -0.41 -5.60 -11.29
CA TRP B 23 -1.89 -5.35 -11.37
C TRP B 23 -2.23 -4.40 -12.49
N SER B 24 -1.49 -3.30 -12.59
CA SER B 24 -1.83 -2.30 -13.61
C SER B 24 -1.47 -2.82 -14.98
N GLY B 25 -0.65 -3.89 -14.95
CA GLY B 25 -0.36 -4.56 -16.14
C GLY B 25 -1.62 -5.19 -16.68
N CYS B 26 -2.07 -6.15 -15.95
CA CYS B 26 -3.34 -6.76 -16.24
C CYS B 26 -4.40 -5.77 -16.71
N LYS B 27 -4.72 -4.85 -15.80
CA LYS B 27 -5.85 -3.87 -16.01
C LYS B 27 -5.75 -3.17 -17.34
N GLN B 28 -4.59 -2.62 -17.60
CA GLN B 28 -4.18 -2.19 -18.83
C GLN B 28 -4.41 -3.28 -19.82
N THR B 29 -3.81 -4.51 -19.83
CA THR B 29 -4.18 -5.56 -20.91
C THR B 29 -5.63 -5.66 -21.27
N CYS B 30 -6.48 -5.88 -20.23
CA CYS B 30 -7.83 -6.27 -20.45
C CYS B 30 -8.41 -5.18 -21.25
N GLN B 31 -7.82 -4.06 -21.14
CA GLN B 31 -8.53 -2.87 -21.69
C GLN B 31 -8.13 -2.62 -23.22
N ILE B 32 -7.23 -3.45 -23.76
CA ILE B 32 -6.70 -3.13 -25.11
C ILE B 32 -7.73 -3.82 -26.10
N SER B 33 -8.30 -4.95 -25.66
CA SER B 33 -9.25 -5.68 -26.50
C SER B 33 -10.73 -5.41 -26.00
N SER B 34 -10.93 -4.33 -25.23
CA SER B 34 -12.26 -3.93 -24.77
C SER B 34 -12.89 -4.95 -23.91
N LEU B 35 -12.22 -5.12 -22.77
CA LEU B 35 -12.52 -6.13 -21.74
C LEU B 35 -12.12 -5.54 -20.44
N SER B 36 -12.31 -6.17 -19.29
CA SER B 36 -11.68 -5.62 -18.10
C SER B 36 -11.24 -6.67 -17.09
N LEU B 37 -10.55 -6.22 -16.04
CA LEU B 37 -10.09 -7.02 -14.94
C LEU B 37 -11.25 -7.46 -14.04
N LEU B 38 -11.40 -8.79 -13.89
CA LEU B 38 -12.51 -9.45 -13.24
C LEU B 38 -13.00 -8.83 -11.96
N LYS B 39 -14.24 -8.47 -12.00
CA LYS B 39 -15.28 -8.24 -11.01
C LYS B 39 -16.37 -9.36 -10.83
N ILE B 40 -16.45 -10.00 -9.69
CA ILE B 40 -17.29 -11.12 -9.38
C ILE B 40 -18.47 -10.52 -8.63
N ASP B 41 -19.68 -10.81 -9.21
CA ASP B 41 -21.00 -10.26 -8.77
C ASP B 41 -21.51 -10.93 -7.46
N ASN B 42 -21.22 -12.25 -7.30
CA ASN B 42 -21.64 -12.94 -6.02
C ASN B 42 -20.94 -14.26 -5.65
N GLU B 43 -21.00 -14.51 -4.43
CA GLU B 43 -20.38 -15.61 -3.80
C GLU B 43 -20.55 -16.96 -4.54
N ASP B 44 -21.64 -17.19 -5.15
CA ASP B 44 -21.94 -18.26 -6.10
C ASP B 44 -20.94 -18.26 -7.25
N GLU B 45 -20.73 -17.21 -7.97
CA GLU B 45 -19.62 -16.98 -8.91
C GLU B 45 -18.27 -17.16 -8.17
N LEU B 46 -18.04 -16.58 -6.99
CA LEU B 46 -16.69 -16.81 -6.40
C LEU B 46 -16.39 -18.28 -6.25
N LYS B 47 -17.23 -18.97 -5.44
CA LYS B 47 -17.17 -20.40 -5.11
C LYS B 47 -16.83 -21.35 -6.33
N PHE B 48 -17.11 -20.81 -7.50
CA PHE B 48 -17.03 -21.60 -8.74
C PHE B 48 -15.58 -21.61 -9.18
N LEU B 49 -14.99 -20.47 -8.81
CA LEU B 49 -13.72 -19.92 -9.39
C LEU B 49 -12.61 -20.37 -8.43
N GLN B 50 -13.05 -20.21 -7.17
CA GLN B 50 -12.58 -20.90 -5.98
C GLN B 50 -12.92 -22.39 -6.17
N ASN B 51 -13.84 -22.70 -7.05
CA ASN B 51 -14.12 -23.96 -7.63
C ASN B 51 -13.16 -24.50 -8.66
N LEU B 52 -13.17 -24.07 -9.95
CA LEU B 52 -12.32 -24.86 -10.90
C LEU B 52 -11.70 -24.09 -12.01
N ALA B 53 -11.02 -23.21 -11.40
CA ALA B 53 -10.07 -22.48 -12.25
C ALA B 53 -8.65 -23.16 -12.29
N PRO B 54 -8.06 -22.82 -13.56
CA PRO B 54 -6.66 -23.36 -13.74
C PRO B 54 -5.78 -23.29 -12.48
N SER B 55 -4.85 -22.29 -12.25
CA SER B 55 -3.84 -22.49 -11.19
C SER B 55 -3.64 -21.14 -10.46
N ASP B 56 -3.03 -21.30 -9.33
CA ASP B 56 -2.42 -20.43 -8.40
C ASP B 56 -2.97 -19.06 -8.21
N ILE B 57 -2.36 -18.00 -8.67
CA ILE B 57 -2.66 -16.62 -8.37
C ILE B 57 -2.93 -15.85 -9.63
N SER B 58 -3.78 -14.90 -9.48
CA SER B 58 -4.15 -13.92 -10.50
C SER B 58 -4.49 -12.62 -9.77
N TRP B 59 -4.74 -11.63 -10.57
CA TRP B 59 -5.17 -10.31 -10.06
C TRP B 59 -6.64 -10.14 -10.49
N ILE B 60 -7.44 -9.71 -9.54
CA ILE B 60 -8.87 -9.44 -9.92
C ILE B 60 -9.00 -7.92 -10.00
N GLY B 61 -10.15 -7.41 -10.15
CA GLY B 61 -10.34 -5.95 -10.40
C GLY B 61 -10.96 -5.24 -9.24
N PHE B 62 -10.28 -5.52 -8.13
CA PHE B 62 -10.66 -4.93 -6.94
C PHE B 62 -9.34 -4.34 -6.37
N SER B 63 -9.32 -3.10 -6.05
CA SER B 63 -8.00 -2.52 -5.79
C SER B 63 -8.31 -1.36 -4.85
N TYR B 64 -7.49 -1.05 -3.93
CA TYR B 64 -7.78 0.01 -2.97
C TYR B 64 -7.80 1.37 -3.65
N ASP B 65 -8.73 2.24 -3.27
CA ASP B 65 -8.85 3.53 -3.98
C ASP B 65 -8.82 4.74 -3.06
N ASN B 66 -7.83 5.60 -3.35
CA ASN B 66 -7.32 6.83 -2.72
C ASN B 66 -8.31 7.98 -2.74
N LYS B 67 -8.96 8.14 -3.90
CA LYS B 67 -10.08 8.95 -4.28
C LYS B 67 -11.32 8.83 -3.42
N LYS B 68 -11.99 7.62 -3.38
CA LYS B 68 -13.05 7.36 -2.40
C LYS B 68 -12.47 7.03 -1.01
N LYS B 69 -11.48 6.18 -1.03
CA LYS B 69 -10.61 5.68 0.02
C LYS B 69 -11.32 4.65 0.88
N ASP B 70 -11.36 3.52 0.08
CA ASP B 70 -11.82 2.18 0.43
C ASP B 70 -11.47 1.31 -0.77
N TRP B 71 -11.86 0.07 -0.73
CA TRP B 71 -11.63 -0.78 -1.91
C TRP B 71 -12.81 -0.53 -2.87
N ALA B 72 -12.63 -0.98 -4.08
CA ALA B 72 -13.45 -0.67 -5.22
C ALA B 72 -13.07 -1.58 -6.40
N TRP B 73 -14.08 -2.09 -6.87
CA TRP B 73 -14.18 -2.88 -8.11
C TRP B 73 -13.88 -1.87 -9.26
N ILE B 74 -13.83 -2.35 -10.45
CA ILE B 74 -13.07 -1.65 -11.45
C ILE B 74 -13.73 -0.48 -12.07
N ASP B 75 -15.07 -0.33 -12.22
CA ASP B 75 -15.38 0.98 -12.80
C ASP B 75 -15.76 1.94 -11.62
N ASN B 76 -16.72 1.52 -11.04
CA ASN B 76 -17.64 1.72 -9.92
C ASN B 76 -18.25 0.40 -9.47
N GLY B 77 -19.32 0.31 -8.78
CA GLY B 77 -20.27 -0.76 -9.16
C GLY B 77 -20.04 -2.04 -8.31
N PRO B 78 -21.04 -1.97 -7.26
CA PRO B 78 -20.87 -3.11 -6.35
C PRO B 78 -21.56 -4.37 -6.88
N SER B 79 -21.30 -5.40 -6.02
CA SER B 79 -21.31 -6.82 -6.09
C SER B 79 -21.82 -7.44 -4.77
N LYS B 80 -22.95 -8.03 -4.85
CA LYS B 80 -23.77 -9.04 -4.15
C LYS B 80 -22.87 -10.20 -3.72
N LEU B 81 -21.60 -9.81 -3.71
CA LEU B 81 -20.58 -10.61 -3.09
C LEU B 81 -20.52 -10.51 -1.59
N ALA B 82 -20.15 -9.33 -1.06
CA ALA B 82 -19.69 -9.11 0.27
C ALA B 82 -19.46 -7.72 0.75
N LEU B 83 -18.50 -6.95 0.25
CA LEU B 83 -18.10 -5.80 1.14
C LEU B 83 -17.74 -6.27 2.52
N ASN B 84 -16.70 -7.17 2.60
CA ASN B 84 -16.04 -7.34 3.89
C ASN B 84 -14.87 -6.47 4.24
N THR B 85 -14.53 -5.40 3.61
CA THR B 85 -13.60 -4.31 3.43
C THR B 85 -12.62 -4.06 4.55
N THR B 86 -13.03 -4.35 5.74
CA THR B 86 -12.39 -4.60 6.98
C THR B 86 -11.33 -5.66 7.05
N LYS B 87 -11.48 -6.79 6.43
CA LYS B 87 -10.64 -7.96 6.46
C LYS B 87 -9.17 -7.77 6.21
N TYR B 88 -8.86 -6.95 5.26
CA TYR B 88 -7.48 -6.72 4.92
C TYR B 88 -6.95 -5.34 5.14
N ASN B 89 -5.65 -5.25 5.22
CA ASN B 89 -4.98 -3.96 5.42
C ASN B 89 -3.91 -3.82 4.32
N ILE B 90 -3.58 -2.61 4.02
CA ILE B 90 -2.63 -2.15 3.03
C ILE B 90 -1.22 -2.65 3.36
N ARG B 91 -0.89 -2.71 4.68
CA ARG B 91 0.40 -3.33 5.06
C ARG B 91 0.58 -4.53 4.11
N ASP B 92 -0.52 -5.19 3.92
CA ASP B 92 -0.72 -6.19 2.91
C ASP B 92 -0.41 -5.73 1.51
N GLY B 93 -1.07 -4.75 0.98
CA GLY B 93 -0.80 -4.11 -0.31
C GLY B 93 -2.14 -3.65 -0.84
N LEU B 94 -2.22 -2.95 -1.96
CA LEU B 94 -3.52 -2.32 -2.30
C LEU B 94 -4.28 -2.88 -3.49
N CYS B 95 -3.87 -4.11 -3.82
CA CYS B 95 -4.43 -4.80 -4.89
C CYS B 95 -4.85 -6.27 -4.64
N MET B 96 -6.16 -6.62 -4.63
CA MET B 96 -6.70 -7.88 -4.17
C MET B 96 -6.56 -8.94 -5.21
N SER B 97 -6.12 -10.17 -4.86
CA SER B 97 -5.64 -11.30 -5.74
C SER B 97 -6.33 -12.53 -5.25
N LEU B 98 -6.39 -13.52 -6.14
CA LEU B 98 -7.19 -14.72 -5.87
C LEU B 98 -6.32 -15.84 -6.31
N SER B 99 -5.98 -16.69 -5.30
CA SER B 99 -5.55 -18.11 -5.43
C SER B 99 -6.66 -19.21 -5.84
N LYS B 100 -6.22 -20.35 -6.38
CA LYS B 100 -7.17 -21.41 -6.84
C LYS B 100 -8.01 -21.94 -5.63
N THR B 101 -7.45 -21.71 -4.48
CA THR B 101 -8.02 -22.08 -3.21
C THR B 101 -8.84 -20.85 -2.76
N ARG B 102 -8.19 -19.68 -2.75
CA ARG B 102 -8.70 -18.67 -1.77
C ARG B 102 -8.46 -17.32 -2.38
N LEU B 103 -8.54 -16.25 -1.64
CA LEU B 103 -8.13 -14.95 -2.21
C LEU B 103 -7.53 -14.17 -1.01
N ASP B 104 -6.78 -13.21 -1.42
CA ASP B 104 -6.00 -12.35 -0.51
C ASP B 104 -5.57 -11.14 -1.28
N ASN B 105 -5.16 -10.18 -0.52
CA ASN B 105 -4.66 -8.94 -1.11
C ASN B 105 -3.17 -8.99 -1.21
N GLY B 106 -2.70 -7.89 -1.82
CA GLY B 106 -1.32 -7.82 -2.15
C GLY B 106 -0.73 -6.52 -2.57
N ASP B 107 0.57 -6.64 -2.90
CA ASP B 107 1.39 -5.59 -3.61
C ASP B 107 1.16 -5.76 -5.12
N CYS B 108 0.65 -4.74 -5.73
CA CYS B 108 0.40 -4.64 -7.17
C CYS B 108 1.64 -4.85 -8.01
N GLY B 109 2.80 -4.54 -7.50
CA GLY B 109 4.10 -4.70 -8.06
C GLY B 109 4.54 -6.12 -8.32
N LYS B 110 4.38 -7.05 -7.40
CA LYS B 110 4.34 -8.52 -7.51
C LYS B 110 3.35 -8.89 -8.62
N SER B 111 3.94 -9.74 -9.48
CA SER B 111 3.35 -10.23 -10.69
C SER B 111 2.64 -11.56 -10.58
N TYR B 112 1.36 -11.48 -11.03
CA TYR B 112 0.55 -12.67 -11.12
C TYR B 112 -0.16 -12.80 -12.46
N ILE B 113 -1.12 -13.64 -12.63
CA ILE B 113 -1.96 -13.91 -13.76
C ILE B 113 -3.09 -12.95 -14.03
N CYS B 114 -3.55 -12.45 -15.28
CA CYS B 114 -4.79 -11.66 -15.59
C CYS B 114 -6.12 -12.34 -15.87
N ILE B 115 -7.10 -12.09 -15.05
CA ILE B 115 -8.39 -12.60 -15.57
C ILE B 115 -9.11 -11.44 -16.19
N CYS B 116 -9.43 -11.51 -17.46
CA CYS B 116 -10.40 -10.56 -17.92
C CYS B 116 -11.79 -11.22 -17.89
N GLY B 117 -12.79 -10.35 -18.02
CA GLY B 117 -14.16 -10.88 -18.11
C GLY B 117 -15.10 -9.97 -18.87
N LYS B 118 -16.32 -10.45 -19.10
CA LYS B 118 -17.29 -9.60 -19.82
C LYS B 118 -18.66 -10.32 -19.81
N ARG B 119 -19.59 -9.66 -20.27
CA ARG B 119 -21.04 -9.83 -20.59
C ARG B 119 -21.39 -8.86 -21.70
N LEU B 120 -22.69 -8.69 -22.03
CA LEU B 120 -23.42 -7.62 -22.69
C LEU B 120 -24.63 -8.15 -23.52
N ASP B 121 -25.26 -7.26 -24.17
CA ASP B 121 -26.09 -6.97 -25.25
C ASP B 121 -25.99 -7.66 -26.57
N LYS B 122 -24.90 -8.23 -27.00
CA LYS B 122 -24.91 -8.96 -28.25
C LYS B 122 -24.80 -10.44 -28.18
N PHE B 123 -25.82 -11.31 -28.38
CA PHE B 123 -25.55 -12.75 -28.50
C PHE B 123 -24.55 -12.77 -29.60
N PRO B 124 -23.32 -13.25 -29.27
CA PRO B 124 -22.04 -13.39 -30.04
C PRO B 124 -22.24 -13.58 -31.56
N HIS B 125 -21.31 -13.18 -32.36
CA HIS B 125 -21.26 -13.05 -33.83
C HIS B 125 -21.66 -11.62 -34.54
#